data_4HMA
#
_entry.id   4HMA
#
_cell.length_a   73.870
_cell.length_b   98.240
_cell.length_c   47.440
_cell.angle_alpha   90.00
_cell.angle_beta   90.00
_cell.angle_gamma   90.00
#
_symmetry.space_group_name_H-M   'P 21 21 2'
#
loop_
_entity.id
_entity.type
_entity.pdbx_description
1 polymer 'Matrix metalloproteinase-9'
2 non-polymer 'ZINC ION'
3 non-polymer 'CALCIUM ION'
4 non-polymer "N,N'-bis(2-[(biphenyl-4ylsulfonyl)[(2R)-1-hydroxy-3-methyl-1-oxobutan-2-yl]-amino]ethyl)benzene-1,3-dicarboxamide"
5 non-polymer GLYCEROL
6 non-polymer S-1,2-PROPANEDIOL
7 non-polymer DI(HYDROXYETHYL)ETHER
8 non-polymer D-MALATE
9 water water
#
_entity_poly.entity_id   1
_entity_poly.type   'polypeptide(L)'
_entity_poly.pdbx_seq_one_letter_code
;FEGDLKWHHHNITYWIQNYSEDLPRAVIDDAFARAFALWSAVTPLTFTRVYSRDADIVIQFGVAEHGDGYPFDGKDGLLA
HAFPPGPGIQGDAHFDDDELWSLGKGQGYSLFLVAAHQFGHALGLDHSSVPEALMYPMYRFTEGPPLHKDDVNGIRHLYG
;
_entity_poly.pdbx_strand_id   A,B
#
loop_
_chem_comp.id
_chem_comp.type
_chem_comp.name
_chem_comp.formula
0ZD non-polymer N,N'-bis(2-[(biphenyl-4ylsulfonyl)[(2R)-1-hydroxy-3-methyl-1-oxobutan-2-yl]-amino]ethyl)benzene-1,3-dicarboxamide 'C46 H50 N4 O10 S2'
CA non-polymer 'CALCIUM ION' 'Ca 2'
GOL non-polymer GLYCEROL 'C3 H8 O3'
MLT non-polymer D-MALATE 'C4 H6 O5'
PEG non-polymer DI(HYDROXYETHYL)ETHER 'C4 H10 O3'
PGO non-polymer S-1,2-PROPANEDIOL 'C3 H8 O2'
ZN non-polymer 'ZINC ION' 'Zn 2'
#
# COMPACT_ATOMS: atom_id res chain seq x y z
N PHE A 1 8.11 -0.31 -14.16
CA PHE A 1 9.08 0.05 -15.23
C PHE A 1 10.51 -0.04 -14.64
N GLU A 2 10.77 -1.23 -14.08
CA GLU A 2 12.11 -1.77 -13.80
C GLU A 2 12.06 -3.17 -14.45
N GLY A 3 12.20 -3.21 -15.78
CA GLY A 3 11.90 -4.43 -16.54
C GLY A 3 11.82 -4.24 -18.05
N ASP A 4 10.71 -4.63 -18.71
CA ASP A 4 9.45 -5.13 -18.11
C ASP A 4 9.40 -6.67 -17.99
N LEU A 5 9.30 -7.17 -16.76
CA LEU A 5 9.24 -8.60 -16.59
C LEU A 5 7.89 -9.08 -17.09
N LYS A 6 7.95 -10.07 -17.96
CA LYS A 6 6.77 -10.74 -18.50
C LYS A 6 7.06 -12.21 -18.74
N TRP A 7 6.01 -13.02 -18.87
CA TRP A 7 6.21 -14.40 -19.32
C TRP A 7 6.56 -14.44 -20.79
N HIS A 8 7.41 -15.40 -21.16
CA HIS A 8 7.91 -15.51 -22.55
C HIS A 8 7.34 -16.76 -23.23
N HIS A 9 6.21 -17.23 -22.72
CA HIS A 9 5.47 -18.26 -23.40
C HIS A 9 3.99 -18.04 -23.05
N HIS A 10 3.07 -18.61 -23.85
CA HIS A 10 1.64 -18.33 -23.66
C HIS A 10 0.91 -19.26 -22.75
N ASN A 11 1.37 -20.52 -22.66
CA ASN A 11 0.60 -21.46 -21.87
C ASN A 11 1.21 -21.57 -20.50
N ILE A 12 0.66 -20.78 -19.60
CA ILE A 12 1.17 -20.69 -18.25
C ILE A 12 0.57 -21.81 -17.41
N THR A 13 1.40 -22.47 -16.61
CA THR A 13 0.85 -23.54 -15.76
C THR A 13 0.89 -23.14 -14.30
N TYR A 14 -0.02 -23.67 -13.50
CA TYR A 14 0.01 -23.42 -12.10
C TYR A 14 -0.21 -24.65 -11.30
N TRP A 15 0.39 -24.69 -10.13
CA TRP A 15 0.22 -25.77 -9.15
C TRP A 15 -0.23 -25.21 -7.82
N ILE A 16 -1.36 -25.69 -7.30
CA ILE A 16 -1.79 -25.35 -5.94
C ILE A 16 -1.10 -26.30 -4.97
N GLN A 17 0.00 -25.85 -4.41
CA GLN A 17 0.83 -26.71 -3.60
C GLN A 17 0.08 -27.19 -2.30
N ASN A 18 -0.62 -26.30 -1.64
CA ASN A 18 -1.22 -26.65 -0.39
C ASN A 18 -2.52 -25.85 -0.20
N TYR A 19 -3.33 -26.21 0.80
CA TYR A 19 -4.61 -25.53 0.98
C TYR A 19 -4.78 -24.87 2.34
N SER A 20 -5.55 -23.79 2.39
CA SER A 20 -6.05 -23.24 3.66
C SER A 20 -7.25 -24.05 4.13
N GLU A 21 -7.39 -24.18 5.45
CA GLU A 21 -8.54 -24.82 6.06
C GLU A 21 -9.79 -23.94 6.01
N ASP A 22 -9.63 -22.64 5.76
CA ASP A 22 -10.79 -21.74 5.72
C ASP A 22 -11.90 -22.09 4.75
N LEU A 23 -11.57 -22.65 3.60
CA LEU A 23 -12.62 -22.96 2.63
C LEU A 23 -12.43 -24.37 2.16
N PRO A 24 -13.47 -25.01 1.59
CA PRO A 24 -13.29 -26.34 0.96
C PRO A 24 -12.27 -26.27 -0.19
N ARG A 25 -11.55 -27.36 -0.37
CA ARG A 25 -10.55 -27.49 -1.41
C ARG A 25 -11.17 -27.09 -2.76
N ALA A 26 -12.34 -27.65 -3.08
CA ALA A 26 -13.03 -27.36 -4.33
C ALA A 26 -13.33 -25.86 -4.54
N VAL A 27 -13.70 -25.19 -3.46
CA VAL A 27 -14.06 -23.78 -3.50
C VAL A 27 -12.79 -22.94 -3.82
N ILE A 28 -11.70 -23.33 -3.15
CA ILE A 28 -10.41 -22.75 -3.34
C ILE A 28 -9.94 -22.95 -4.77
N ASP A 29 -10.00 -24.19 -5.27
CA ASP A 29 -9.59 -24.44 -6.65
C ASP A 29 -10.37 -23.54 -7.64
N ASP A 30 -11.68 -23.44 -7.41
CA ASP A 30 -12.58 -22.61 -8.25
C ASP A 30 -12.22 -21.10 -8.15
N ALA A 31 -11.92 -20.60 -6.95
CA ALA A 31 -11.61 -19.15 -6.74
C ALA A 31 -10.36 -18.83 -7.59
N PHE A 32 -9.40 -19.71 -7.50
CA PHE A 32 -8.17 -19.54 -8.26
C PHE A 32 -8.47 -19.67 -9.71
N ALA A 33 -9.34 -20.60 -10.09
CA ALA A 33 -9.62 -20.74 -11.53
C ALA A 33 -10.33 -19.50 -12.02
N ARG A 34 -11.25 -18.95 -11.25
CA ARG A 34 -11.97 -17.78 -11.72
C ARG A 34 -11.04 -16.57 -11.89
N ALA A 35 -10.12 -16.42 -10.94
CA ALA A 35 -9.14 -15.38 -10.94
C ALA A 35 -8.22 -15.40 -12.17
N PHE A 36 -7.77 -16.60 -12.60
CA PHE A 36 -7.00 -16.72 -13.86
C PHE A 36 -7.88 -16.42 -15.08
N ALA A 37 -9.13 -16.86 -15.02
CA ALA A 37 -10.13 -16.62 -16.12
C ALA A 37 -10.26 -15.12 -16.42
N LEU A 38 -10.14 -14.28 -15.39
CA LEU A 38 -10.23 -12.84 -15.64
C LEU A 38 -9.08 -12.37 -16.51
N TRP A 39 -7.86 -12.83 -16.22
CA TRP A 39 -6.72 -12.48 -17.05
C TRP A 39 -6.66 -13.20 -18.35
N SER A 40 -7.07 -14.46 -18.35
CA SER A 40 -7.13 -15.26 -19.57
C SER A 40 -7.89 -14.51 -20.65
N ALA A 41 -8.99 -13.90 -20.23
CA ALA A 41 -9.89 -13.32 -21.27
C ALA A 41 -9.20 -12.15 -21.95
N VAL A 42 -8.33 -11.44 -21.24
CA VAL A 42 -7.89 -10.16 -21.75
C VAL A 42 -6.47 -10.24 -22.32
N THR A 43 -5.87 -11.42 -22.29
CA THR A 43 -4.48 -11.63 -22.80
C THR A 43 -4.35 -12.83 -23.75
N PRO A 44 -3.25 -12.95 -24.47
CA PRO A 44 -3.05 -14.21 -25.20
C PRO A 44 -2.63 -15.37 -24.28
N LEU A 45 -2.66 -15.22 -22.99
CA LEU A 45 -2.24 -16.35 -22.15
C LEU A 45 -3.37 -17.31 -21.85
N THR A 46 -2.98 -18.58 -21.59
CA THR A 46 -3.87 -19.60 -21.06
C THR A 46 -3.21 -20.05 -19.77
N PHE A 47 -4.02 -20.51 -18.83
CA PHE A 47 -3.62 -20.99 -17.53
C PHE A 47 -4.12 -22.45 -17.35
N THR A 48 -3.22 -23.37 -17.08
CA THR A 48 -3.54 -24.79 -16.93
C THR A 48 -3.09 -25.27 -15.58
N ARG A 49 -4.02 -25.84 -14.83
CA ARG A 49 -3.71 -26.34 -13.53
C ARG A 49 -2.96 -27.64 -13.74
N VAL A 50 -1.78 -27.75 -13.14
CA VAL A 50 -0.95 -28.96 -13.33
C VAL A 50 -0.57 -29.43 -11.93
N TYR A 51 0.00 -30.62 -11.82
CA TYR A 51 0.32 -31.15 -10.53
C TYR A 51 1.79 -31.47 -10.64
N SER A 52 2.59 -30.42 -10.58
CA SER A 52 4.03 -30.49 -10.81
C SER A 52 4.77 -29.32 -10.14
N ARG A 53 5.83 -29.64 -9.42
CA ARG A 53 6.80 -28.65 -8.95
C ARG A 53 7.33 -27.71 -10.03
N ASP A 54 7.23 -28.12 -11.29
CA ASP A 54 7.81 -27.40 -12.41
C ASP A 54 6.79 -26.39 -13.05
N ALA A 55 5.63 -26.23 -12.43
CA ALA A 55 4.61 -25.23 -12.87
C ALA A 55 5.21 -23.79 -12.79
N ASP A 56 4.79 -22.90 -13.68
CA ASP A 56 5.27 -21.48 -13.72
C ASP A 56 4.85 -20.79 -12.47
N ILE A 57 3.60 -20.91 -12.10
CA ILE A 57 3.09 -20.25 -10.91
C ILE A 57 2.74 -21.28 -9.86
N VAL A 58 3.49 -21.34 -8.75
CA VAL A 58 3.16 -22.25 -7.66
C VAL A 58 2.44 -21.50 -6.57
N ILE A 59 1.34 -22.01 -6.10
CA ILE A 59 0.51 -21.28 -5.18
C ILE A 59 0.63 -21.98 -3.84
N GLN A 60 0.86 -21.23 -2.78
CA GLN A 60 0.82 -21.79 -1.44
C GLN A 60 0.24 -20.82 -0.45
N PHE A 61 -0.32 -21.40 0.61
CA PHE A 61 -0.74 -20.69 1.78
C PHE A 61 0.36 -20.95 2.78
N GLY A 62 0.72 -19.93 3.55
CA GLY A 62 1.87 -20.02 4.49
C GLY A 62 1.70 -18.95 5.53
N VAL A 63 2.08 -19.27 6.76
CA VAL A 63 1.91 -18.36 7.89
C VAL A 63 3.33 -17.99 8.31
N ALA A 64 3.53 -16.72 8.64
CA ALA A 64 4.87 -16.22 8.98
C ALA A 64 5.92 -16.62 7.94
N GLU A 65 6.92 -17.37 8.38
CA GLU A 65 8.06 -17.69 7.55
C GLU A 65 7.76 -18.96 6.82
N HIS A 66 7.79 -18.89 5.49
CA HIS A 66 7.48 -20.03 4.65
C HIS A 66 8.61 -20.27 3.65
N GLY A 67 9.82 -19.93 4.07
CA GLY A 67 11.04 -20.16 3.31
C GLY A 67 11.27 -19.55 1.94
N ASP A 68 10.88 -18.29 1.75
CA ASP A 68 11.23 -17.59 0.53
C ASP A 68 11.95 -16.32 0.93
N GLY A 69 12.05 -16.13 2.22
CA GLY A 69 12.75 -14.97 2.77
C GLY A 69 11.88 -13.78 3.13
N TYR A 70 10.56 -13.94 3.02
CA TYR A 70 9.65 -12.80 3.12
C TYR A 70 8.51 -13.20 3.99
N PRO A 71 8.73 -13.19 5.32
CA PRO A 71 7.73 -13.54 6.34
C PRO A 71 6.38 -12.82 6.26
N PHE A 72 5.30 -13.58 6.43
CA PHE A 72 4.01 -12.96 6.71
C PHE A 72 3.99 -12.40 8.16
N ASP A 73 2.95 -11.66 8.54
CA ASP A 73 3.01 -10.82 9.72
C ASP A 73 1.85 -11.08 10.65
N GLY A 74 1.37 -12.33 10.72
CA GLY A 74 0.13 -12.58 11.47
C GLY A 74 -1.07 -11.88 10.82
N LYS A 75 -2.17 -11.86 11.53
CA LYS A 75 -3.43 -11.23 11.11
C LYS A 75 -3.37 -9.75 10.67
N ASP A 76 -3.98 -9.51 9.51
CA ASP A 76 -4.01 -8.20 8.87
C ASP A 76 -2.63 -7.85 8.40
N GLY A 77 -2.44 -6.59 7.99
CA GLY A 77 -1.22 -6.17 7.36
C GLY A 77 -1.10 -6.84 6.00
N LEU A 78 0.01 -7.53 5.82
CA LEU A 78 0.31 -8.14 4.53
C LEU A 78 -0.68 -9.24 4.25
N LEU A 79 -1.29 -9.29 3.06
CA LEU A 79 -2.29 -10.36 2.86
C LEU A 79 -1.69 -11.47 2.08
N ALA A 80 -0.77 -11.12 1.19
CA ALA A 80 -0.33 -12.07 0.22
C ALA A 80 0.76 -11.44 -0.49
N HIS A 81 1.53 -12.24 -1.21
CA HIS A 81 2.43 -11.69 -2.20
C HIS A 81 2.72 -12.58 -3.42
N ALA A 82 3.27 -11.99 -4.47
CA ALA A 82 3.51 -12.71 -5.69
C ALA A 82 4.78 -12.17 -6.26
N PHE A 83 5.56 -13.01 -6.91
CA PHE A 83 6.81 -12.58 -7.48
C PHE A 83 6.64 -12.34 -8.98
N PRO A 84 7.38 -11.38 -9.55
CA PRO A 84 7.14 -11.11 -10.93
C PRO A 84 7.55 -12.32 -11.77
N PRO A 85 7.21 -12.31 -13.07
CA PRO A 85 7.56 -13.46 -13.94
C PRO A 85 9.07 -13.75 -14.02
N GLY A 86 9.39 -15.01 -14.20
CA GLY A 86 10.76 -15.47 -14.35
C GLY A 86 10.84 -16.89 -13.76
N PRO A 87 12.06 -17.40 -13.62
CA PRO A 87 12.24 -18.79 -13.25
C PRO A 87 12.13 -19.00 -11.73
N GLY A 88 11.70 -20.20 -11.29
CA GLY A 88 11.84 -20.61 -9.90
C GLY A 88 10.76 -19.99 -9.03
N ILE A 89 11.15 -19.34 -7.92
CA ILE A 89 10.22 -18.54 -7.01
C ILE A 89 9.42 -17.47 -7.82
N GLN A 90 10.10 -16.84 -8.77
N GLN A 90 10.10 -16.83 -8.76
CA GLN A 90 9.51 -15.87 -9.67
CA GLN A 90 9.51 -15.89 -9.70
C GLN A 90 8.22 -16.40 -10.31
C GLN A 90 8.20 -16.42 -10.29
N GLY A 91 7.17 -15.57 -10.29
CA GLY A 91 5.84 -15.99 -10.76
C GLY A 91 4.97 -16.63 -9.63
N ASP A 92 5.54 -16.92 -8.49
CA ASP A 92 4.80 -17.70 -7.48
C ASP A 92 3.88 -16.81 -6.65
N ALA A 93 2.87 -17.39 -6.01
CA ALA A 93 1.87 -16.56 -5.35
C ALA A 93 1.55 -17.16 -3.97
N HIS A 94 1.80 -16.39 -2.93
CA HIS A 94 1.69 -16.90 -1.57
C HIS A 94 0.66 -16.12 -0.81
N PHE A 95 -0.19 -16.84 -0.07
CA PHE A 95 -1.30 -16.26 0.63
C PHE A 95 -1.07 -16.51 2.12
N ASP A 96 -1.20 -15.45 2.93
CA ASP A 96 -0.95 -15.54 4.33
C ASP A 96 -2.12 -16.24 4.98
N ASP A 97 -1.88 -17.43 5.56
CA ASP A 97 -2.99 -18.16 6.15
C ASP A 97 -3.39 -17.69 7.56
N ASP A 98 -2.71 -16.69 8.11
CA ASP A 98 -3.22 -16.05 9.34
C ASP A 98 -4.37 -15.15 9.05
N GLU A 99 -4.69 -14.95 7.76
CA GLU A 99 -5.92 -14.24 7.39
C GLU A 99 -7.09 -15.20 7.30
N LEU A 100 -8.29 -14.69 7.46
CA LEU A 100 -9.44 -15.51 7.25
C LEU A 100 -9.87 -15.35 5.77
N TRP A 101 -9.71 -16.45 5.00
CA TRP A 101 -10.11 -16.55 3.59
C TRP A 101 -11.54 -17.00 3.47
N SER A 102 -12.26 -16.23 2.67
CA SER A 102 -13.68 -16.44 2.43
C SER A 102 -14.00 -15.98 1.00
N LEU A 103 -15.29 -15.94 0.70
CA LEU A 103 -15.79 -15.37 -0.54
C LEU A 103 -17.05 -14.66 -0.16
N GLY A 104 -17.47 -13.67 -0.95
CA GLY A 104 -18.71 -12.94 -0.68
C GLY A 104 -18.62 -11.85 0.40
N LYS A 105 -19.73 -11.15 0.60
CA LYS A 105 -19.79 -10.07 1.62
C LYS A 105 -19.65 -10.65 3.03
N GLY A 106 -18.85 -10.00 3.86
CA GLY A 106 -18.67 -10.41 5.23
C GLY A 106 -17.26 -10.44 5.77
N GLN A 107 -17.03 -11.45 6.61
N GLN A 107 -17.02 -11.38 6.69
CA GLN A 107 -15.76 -11.71 7.27
CA GLN A 107 -15.69 -11.48 7.31
C GLN A 107 -14.62 -12.04 6.29
C GLN A 107 -14.63 -12.03 6.37
N GLY A 108 -13.39 -11.67 6.69
CA GLY A 108 -12.19 -12.09 5.97
C GLY A 108 -12.08 -11.44 4.61
N TYR A 109 -11.08 -11.87 3.85
CA TYR A 109 -10.81 -11.34 2.54
C TYR A 109 -11.22 -12.33 1.47
N SER A 110 -11.86 -11.85 0.39
CA SER A 110 -12.23 -12.68 -0.75
C SER A 110 -10.94 -13.28 -1.33
N LEU A 111 -10.82 -14.61 -1.25
CA LEU A 111 -9.70 -15.32 -1.88
C LEU A 111 -9.72 -15.05 -3.34
N PHE A 112 -10.91 -14.93 -3.92
CA PHE A 112 -10.98 -14.60 -5.35
C PHE A 112 -10.31 -13.25 -5.72
N LEU A 113 -10.77 -12.19 -5.07
CA LEU A 113 -10.29 -10.85 -5.35
C LEU A 113 -8.81 -10.76 -5.03
N VAL A 114 -8.41 -11.31 -3.89
CA VAL A 114 -6.99 -11.19 -3.57
C VAL A 114 -6.13 -12.01 -4.57
N ALA A 115 -6.58 -13.20 -4.91
CA ALA A 115 -5.87 -13.99 -5.93
C ALA A 115 -5.87 -13.23 -7.26
N ALA A 116 -6.96 -12.54 -7.64
CA ALA A 116 -6.91 -11.91 -8.98
C ALA A 116 -5.81 -10.84 -8.98
N HIS A 117 -5.76 -10.11 -7.87
CA HIS A 117 -4.72 -9.07 -7.64
C HIS A 117 -3.31 -9.69 -7.66
N GLN A 118 -3.09 -10.74 -6.87
CA GLN A 118 -1.72 -11.40 -6.85
C GLN A 118 -1.32 -11.95 -8.20
N PHE A 119 -2.30 -12.45 -8.96
CA PHE A 119 -2.00 -13.06 -10.24
C PHE A 119 -1.65 -12.00 -11.27
N GLY A 120 -2.16 -10.79 -11.08
CA GLY A 120 -1.74 -9.69 -11.91
C GLY A 120 -0.26 -9.42 -11.64
N HIS A 121 0.14 -9.44 -10.37
CA HIS A 121 1.53 -9.26 -10.04
C HIS A 121 2.32 -10.47 -10.67
N ALA A 122 1.78 -11.70 -10.55
CA ALA A 122 2.46 -12.88 -11.11
C ALA A 122 2.57 -12.81 -12.64
N LEU A 123 1.79 -11.92 -13.27
CA LEU A 123 1.99 -11.68 -14.70
C LEU A 123 2.87 -10.47 -15.04
N GLY A 124 3.33 -9.71 -14.04
CA GLY A 124 4.25 -8.58 -14.32
C GLY A 124 3.66 -7.19 -14.07
N LEU A 125 2.42 -7.13 -13.58
CA LEU A 125 1.74 -5.87 -13.27
C LEU A 125 2.15 -5.25 -11.93
N ASP A 126 2.44 -3.95 -11.94
CA ASP A 126 2.70 -3.18 -10.74
C ASP A 126 1.40 -2.60 -10.20
N HIS A 127 1.52 -1.70 -9.23
CA HIS A 127 0.37 -1.09 -8.64
C HIS A 127 -0.16 0.02 -9.48
N SER A 128 -1.46 0.17 -9.50
CA SER A 128 -2.09 1.22 -10.26
C SER A 128 -2.30 2.38 -9.27
N SER A 129 -2.32 3.62 -9.74
N SER A 129 -2.23 3.60 -9.82
CA SER A 129 -2.79 4.69 -8.84
CA SER A 129 -2.67 4.85 -9.15
C SER A 129 -4.27 5.05 -9.04
C SER A 129 -4.21 5.07 -9.12
N VAL A 130 -4.96 4.30 -9.91
CA VAL A 130 -6.42 4.39 -9.99
C VAL A 130 -7.11 3.62 -8.86
N PRO A 131 -7.91 4.31 -7.99
CA PRO A 131 -8.46 3.71 -6.77
C PRO A 131 -9.48 2.59 -6.91
N GLU A 132 -10.32 2.65 -7.93
CA GLU A 132 -11.23 1.56 -8.28
C GLU A 132 -10.55 0.28 -8.83
N ALA A 133 -9.36 0.41 -9.41
CA ALA A 133 -8.67 -0.67 -10.17
C ALA A 133 -8.34 -1.84 -9.31
N LEU A 134 -8.39 -3.05 -9.91
CA LEU A 134 -7.92 -4.27 -9.27
C LEU A 134 -6.48 -4.11 -8.79
N MET A 135 -5.64 -3.43 -9.58
CA MET A 135 -4.26 -3.44 -9.14
C MET A 135 -3.96 -2.25 -8.19
N TYR A 136 -4.97 -1.54 -7.72
CA TYR A 136 -4.77 -0.56 -6.66
C TYR A 136 -4.37 -1.27 -5.34
N PRO A 137 -3.29 -0.83 -4.64
CA PRO A 137 -2.72 -1.55 -3.51
C PRO A 137 -3.51 -1.56 -2.19
N MET A 138 -4.82 -1.51 -2.26
CA MET A 138 -5.63 -1.43 -1.02
C MET A 138 -6.80 -2.34 -1.31
N TYR A 139 -6.99 -3.36 -0.49
CA TYR A 139 -8.14 -4.25 -0.59
C TYR A 139 -9.49 -3.57 -0.28
N ARG A 140 -10.46 -3.68 -1.18
CA ARG A 140 -11.82 -3.24 -0.89
C ARG A 140 -12.74 -4.27 -1.45
N PHE A 141 -13.56 -4.89 -0.61
CA PHE A 141 -14.53 -5.81 -1.15
C PHE A 141 -15.49 -5.15 -2.18
N THR A 142 -15.78 -5.81 -3.29
CA THR A 142 -16.65 -5.28 -4.39
C THR A 142 -17.42 -6.46 -4.95
N GLU A 143 -18.67 -6.22 -5.34
CA GLU A 143 -19.52 -7.23 -6.03
C GLU A 143 -19.39 -7.09 -7.56
N GLY A 144 -18.92 -5.92 -7.99
CA GLY A 144 -18.73 -5.55 -9.39
C GLY A 144 -17.61 -6.35 -10.10
N PRO A 145 -17.60 -6.29 -11.44
CA PRO A 145 -16.56 -6.89 -12.25
C PRO A 145 -15.18 -6.32 -11.77
N PRO A 146 -14.29 -7.18 -11.35
CA PRO A 146 -13.02 -6.74 -10.75
C PRO A 146 -12.09 -5.92 -11.68
N LEU A 147 -12.07 -6.24 -12.99
CA LEU A 147 -11.15 -5.52 -13.91
C LEU A 147 -11.59 -4.10 -14.34
N HIS A 148 -10.69 -3.17 -14.47
CA HIS A 148 -11.08 -1.86 -14.86
C HIS A 148 -10.14 -1.50 -15.99
N LYS A 149 -10.42 -0.39 -16.66
N LYS A 149 -10.46 -0.40 -16.66
CA LYS A 149 -9.64 0.05 -17.83
CA LYS A 149 -9.67 0.12 -17.78
C LYS A 149 -8.13 0.03 -17.55
C LYS A 149 -8.17 0.04 -17.53
N ASP A 150 -7.76 0.44 -16.34
CA ASP A 150 -6.31 0.59 -16.08
C ASP A 150 -5.60 -0.78 -15.97
N ASP A 151 -6.31 -1.74 -15.42
CA ASP A 151 -5.75 -3.10 -15.32
C ASP A 151 -5.56 -3.72 -16.69
N VAL A 152 -6.57 -3.49 -17.54
CA VAL A 152 -6.57 -4.07 -18.86
C VAL A 152 -5.53 -3.34 -19.68
N ASN A 153 -5.41 -2.00 -19.56
CA ASN A 153 -4.34 -1.24 -20.27
C ASN A 153 -2.97 -1.75 -19.85
N GLY A 154 -2.84 -2.11 -18.58
CA GLY A 154 -1.58 -2.62 -18.09
C GLY A 154 -1.10 -3.95 -18.64
N ILE A 155 -1.97 -4.95 -18.70
CA ILE A 155 -1.59 -6.23 -19.32
C ILE A 155 -1.39 -6.09 -20.82
N ARG A 156 -2.21 -5.24 -21.44
CA ARG A 156 -2.10 -4.99 -22.86
C ARG A 156 -0.73 -4.39 -23.17
N HIS A 157 -0.25 -3.51 -22.29
CA HIS A 157 1.10 -2.93 -22.45
C HIS A 157 2.13 -4.11 -22.45
N LEU A 158 1.89 -5.13 -21.62
CA LEU A 158 2.87 -6.20 -21.50
C LEU A 158 2.69 -7.30 -22.51
N TYR A 159 1.45 -7.69 -22.79
CA TYR A 159 1.23 -8.90 -23.63
C TYR A 159 0.46 -8.66 -24.92
N GLY A 160 0.07 -7.41 -25.19
N GLY A 160 0.18 -7.40 -25.25
CA GLY A 160 -0.95 -7.08 -26.17
CA GLY A 160 -0.73 -7.09 -26.34
C GLY A 160 -0.37 -6.41 -27.38
C GLY A 160 -2.14 -7.19 -25.82
N PHE B 1 8.63 12.09 -6.58
CA PHE B 1 7.39 12.49 -7.33
C PHE B 1 7.66 12.85 -8.79
N GLU B 2 6.64 13.40 -9.45
CA GLU B 2 6.65 13.71 -10.89
C GLU B 2 7.93 14.36 -11.44
N GLY B 3 8.23 15.59 -11.02
CA GLY B 3 9.51 16.22 -11.40
C GLY B 3 10.39 16.55 -10.21
N ASP B 4 10.51 15.60 -9.27
CA ASP B 4 11.14 15.86 -7.95
C ASP B 4 10.53 17.12 -7.29
N LEU B 5 9.24 17.09 -7.01
CA LEU B 5 8.65 18.25 -6.36
C LEU B 5 9.36 18.42 -5.03
N LYS B 6 9.73 19.65 -4.72
CA LYS B 6 10.34 20.02 -3.44
C LYS B 6 9.93 21.44 -3.11
N TRP B 7 10.06 21.84 -1.85
CA TRP B 7 9.88 23.24 -1.47
C TRP B 7 11.01 24.11 -1.99
N HIS B 8 10.69 25.34 -2.34
CA HIS B 8 11.70 26.29 -2.81
C HIS B 8 11.92 27.44 -1.86
N HIS B 9 11.73 27.17 -0.56
CA HIS B 9 12.12 28.08 0.52
C HIS B 9 12.43 27.23 1.75
N HIS B 10 13.14 27.79 2.73
CA HIS B 10 13.67 26.97 3.85
C HIS B 10 12.76 27.04 5.09
N ASN B 11 12.06 28.17 5.29
CA ASN B 11 11.23 28.31 6.50
C ASN B 11 9.79 27.86 6.20
N ILE B 12 9.53 26.58 6.47
CA ILE B 12 8.25 26.00 6.10
C ILE B 12 7.27 26.29 7.23
N THR B 13 6.06 26.74 6.93
CA THR B 13 5.13 27.02 8.02
C THR B 13 4.01 25.99 8.07
N TYR B 14 3.45 25.71 9.26
CA TYR B 14 2.29 24.80 9.34
C TYR B 14 1.21 25.33 10.27
N TRP B 15 -0.01 25.00 9.91
CA TRP B 15 -1.17 25.35 10.68
C TRP B 15 -1.99 24.15 11.01
N ILE B 16 -2.29 23.97 12.29
CA ILE B 16 -3.10 22.84 12.67
C ILE B 16 -4.48 23.40 12.65
N GLN B 17 -5.22 23.05 11.61
CA GLN B 17 -6.51 23.65 11.34
C GLN B 17 -7.59 23.15 12.28
N ASN B 18 -7.67 21.86 12.53
CA ASN B 18 -8.60 21.39 13.54
C ASN B 18 -7.94 20.23 14.29
N TYR B 19 -8.68 19.66 15.24
CA TYR B 19 -8.18 18.67 16.17
C TYR B 19 -9.09 17.44 16.27
N SER B 20 -8.51 16.23 16.25
CA SER B 20 -9.28 15.06 16.59
C SER B 20 -9.60 15.08 18.07
N GLU B 21 -10.70 14.47 18.51
CA GLU B 21 -10.96 14.45 19.94
C GLU B 21 -10.28 13.24 20.57
N ASP B 22 -9.51 12.46 19.81
CA ASP B 22 -8.92 11.24 20.40
C ASP B 22 -7.86 11.47 21.46
N LEU B 23 -7.18 12.62 21.38
CA LEU B 23 -6.08 12.93 22.28
C LEU B 23 -6.21 14.39 22.65
N PRO B 24 -5.63 14.83 23.80
CA PRO B 24 -5.56 16.24 24.15
C PRO B 24 -4.92 17.08 23.05
N ARG B 25 -5.39 18.33 22.89
CA ARG B 25 -4.82 19.19 21.86
C ARG B 25 -3.33 19.37 22.03
N ALA B 26 -2.90 19.51 23.28
CA ALA B 26 -1.46 19.69 23.61
C ALA B 26 -0.57 18.50 23.19
N VAL B 27 -1.10 17.30 23.29
CA VAL B 27 -0.43 16.07 22.88
C VAL B 27 -0.36 16.06 21.34
N ILE B 28 -1.44 16.50 20.72
CA ILE B 28 -1.51 16.54 19.27
C ILE B 28 -0.50 17.55 18.72
N ASP B 29 -0.50 18.78 19.27
CA ASP B 29 0.51 19.78 18.94
C ASP B 29 1.94 19.20 19.01
N ASP B 30 2.21 18.49 20.11
CA ASP B 30 3.57 17.97 20.38
C ASP B 30 3.93 16.77 19.49
N ALA B 31 2.93 15.94 19.19
CA ALA B 31 3.13 14.81 18.26
C ALA B 31 3.54 15.38 16.88
N PHE B 32 2.83 16.40 16.42
CA PHE B 32 3.13 16.93 15.13
C PHE B 32 4.52 17.65 15.22
N ALA B 33 4.84 18.27 16.37
CA ALA B 33 6.11 19.06 16.45
C ALA B 33 7.23 18.10 16.38
N ARG B 34 7.07 16.99 17.08
CA ARG B 34 8.11 15.97 17.07
C ARG B 34 8.29 15.41 15.66
N ALA B 35 7.19 15.27 14.92
CA ALA B 35 7.28 14.66 13.58
C ALA B 35 8.02 15.56 12.63
N PHE B 36 7.80 16.86 12.78
CA PHE B 36 8.62 17.82 12.06
C PHE B 36 10.12 17.84 12.52
N ALA B 37 10.36 17.68 13.82
CA ALA B 37 11.72 17.71 14.41
C ALA B 37 12.62 16.64 13.73
N LEU B 38 11.99 15.53 13.38
CA LEU B 38 12.73 14.43 12.76
C LEU B 38 13.26 14.83 11.33
N TRP B 39 12.46 15.56 10.57
CA TRP B 39 12.83 15.98 9.23
C TRP B 39 13.65 17.24 9.30
N SER B 40 13.40 18.11 10.28
CA SER B 40 14.28 19.27 10.34
C SER B 40 15.76 18.93 10.64
N ALA B 41 16.02 17.92 11.50
CA ALA B 41 17.45 17.55 11.70
C ALA B 41 18.25 17.19 10.40
N VAL B 42 17.61 16.57 9.42
CA VAL B 42 18.32 16.00 8.25
C VAL B 42 18.13 16.85 7.01
N THR B 43 17.58 18.05 7.18
CA THR B 43 17.33 18.95 6.06
C THR B 43 17.67 20.40 6.37
N PRO B 44 17.76 21.20 5.31
CA PRO B 44 17.95 22.65 5.41
C PRO B 44 16.71 23.38 5.95
N LEU B 45 15.56 22.71 5.97
CA LEU B 45 14.29 23.30 6.41
C LEU B 45 14.12 23.51 7.91
N THR B 46 13.27 24.46 8.29
CA THR B 46 12.85 24.64 9.65
C THR B 46 11.32 24.66 9.56
N PHE B 47 10.60 24.34 10.63
CA PHE B 47 9.13 24.27 10.58
C PHE B 47 8.60 25.16 11.68
N THR B 48 7.78 26.16 11.34
CA THR B 48 7.27 27.12 12.33
C THR B 48 5.80 26.97 12.37
N ARG B 49 5.26 26.75 13.57
CA ARG B 49 3.79 26.65 13.69
C ARG B 49 3.19 28.05 13.54
N VAL B 50 2.23 28.24 12.65
CA VAL B 50 1.62 29.56 12.51
C VAL B 50 0.13 29.34 12.66
N TYR B 51 -0.62 30.44 12.75
CA TYR B 51 -2.04 30.37 13.01
C TYR B 51 -2.73 31.09 11.89
N SER B 52 -2.48 30.60 10.68
CA SER B 52 -2.93 31.30 9.47
C SER B 52 -3.25 30.30 8.36
N ARG B 53 -4.31 30.56 7.61
CA ARG B 53 -4.61 29.74 6.43
C ARG B 53 -3.56 29.82 5.33
N ASP B 54 -2.64 30.75 5.43
CA ASP B 54 -1.62 30.91 4.41
C ASP B 54 -0.39 30.02 4.74
N ALA B 55 -0.49 29.18 5.74
CA ALA B 55 0.62 28.27 6.06
C ALA B 55 0.96 27.37 4.85
N ASP B 56 2.21 26.93 4.74
CA ASP B 56 2.60 26.02 3.67
C ASP B 56 1.90 24.68 3.82
N ILE B 57 1.97 24.13 5.01
CA ILE B 57 1.43 22.79 5.31
C ILE B 57 0.26 22.97 6.25
N VAL B 58 -0.95 22.77 5.72
CA VAL B 58 -2.14 22.87 6.51
C VAL B 58 -2.56 21.48 6.93
N ILE B 59 -2.71 21.31 8.21
CA ILE B 59 -2.98 20.03 8.80
C ILE B 59 -4.45 20.00 9.24
N GLN B 60 -5.15 18.95 8.84
CA GLN B 60 -6.53 18.80 9.21
C GLN B 60 -6.98 17.36 9.40
N PHE B 61 -7.92 17.16 10.31
CA PHE B 61 -8.54 15.86 10.50
C PHE B 61 -9.90 15.92 9.86
N GLY B 62 -10.22 14.89 9.08
CA GLY B 62 -11.48 14.88 8.30
C GLY B 62 -11.97 13.47 8.06
N VAL B 63 -13.16 13.34 7.50
CA VAL B 63 -13.78 12.04 7.22
C VAL B 63 -14.42 11.94 5.83
N ALA B 64 -14.38 10.76 5.23
CA ALA B 64 -15.00 10.51 3.93
C ALA B 64 -14.51 11.51 2.88
N GLU B 65 -15.44 12.10 2.13
CA GLU B 65 -15.08 13.18 1.22
C GLU B 65 -14.94 14.38 2.11
N HIS B 66 -13.82 15.08 2.01
CA HIS B 66 -13.60 16.19 2.97
C HIS B 66 -13.09 17.46 2.33
N GLY B 67 -13.26 17.54 1.02
CA GLY B 67 -13.03 18.79 0.35
C GLY B 67 -12.05 18.74 -0.78
N ASP B 68 -11.39 17.61 -1.00
CA ASP B 68 -10.28 17.65 -1.92
C ASP B 68 -10.43 16.61 -3.00
N GLY B 69 -11.59 15.99 -3.01
CA GLY B 69 -11.96 14.99 -4.01
C GLY B 69 -11.24 13.68 -3.81
N TYR B 70 -10.52 13.59 -2.70
CA TYR B 70 -9.72 12.43 -2.41
C TYR B 70 -10.25 11.87 -1.08
N PRO B 71 -11.36 11.13 -1.17
CA PRO B 71 -12.08 10.81 0.05
C PRO B 71 -11.48 9.64 0.80
N PHE B 72 -11.67 9.70 2.11
CA PHE B 72 -11.31 8.67 3.07
C PHE B 72 -12.45 7.64 3.09
N ASP B 73 -12.21 6.53 3.79
CA ASP B 73 -13.02 5.31 3.69
C ASP B 73 -13.51 4.79 5.08
N GLY B 74 -13.68 5.67 6.05
CA GLY B 74 -14.05 5.13 7.37
C GLY B 74 -12.90 4.40 8.05
N LYS B 75 -13.21 3.65 9.12
CA LYS B 75 -12.22 2.95 9.91
C LYS B 75 -11.36 1.95 9.13
N ASP B 76 -10.07 1.98 9.45
CA ASP B 76 -9.07 1.15 8.75
C ASP B 76 -8.82 1.61 7.33
N GLY B 77 -8.13 0.77 6.55
CA GLY B 77 -7.71 1.07 5.19
C GLY B 77 -6.85 2.31 5.16
N LEU B 78 -7.29 3.32 4.41
CA LEU B 78 -6.53 4.55 4.25
C LEU B 78 -6.42 5.24 5.59
N LEU B 79 -5.22 5.70 5.92
CA LEU B 79 -5.06 6.34 7.22
C LEU B 79 -4.96 7.85 7.05
N ALA B 80 -4.38 8.32 5.95
CA ALA B 80 -4.08 9.74 5.90
C ALA B 80 -3.52 9.91 4.55
N HIS B 81 -3.36 11.16 4.14
CA HIS B 81 -2.66 11.45 2.90
C HIS B 81 -2.09 12.87 2.90
N ALA B 82 -1.12 13.11 2.04
CA ALA B 82 -0.58 14.43 2.06
C ALA B 82 -0.18 14.70 0.69
N PHE B 83 -0.11 15.95 0.31
CA PHE B 83 0.18 16.26 -1.06
C PHE B 83 1.63 16.73 -1.19
N PRO B 84 2.28 16.43 -2.33
CA PRO B 84 3.65 16.91 -2.51
C PRO B 84 3.72 18.44 -2.50
N PRO B 85 4.94 19.02 -2.38
CA PRO B 85 5.09 20.47 -2.24
C PRO B 85 4.55 21.27 -3.42
N GLY B 86 4.16 22.50 -3.11
CA GLY B 86 3.46 23.33 -4.08
C GLY B 86 2.44 24.20 -3.37
N PRO B 87 1.68 24.96 -4.16
CA PRO B 87 0.76 25.99 -3.63
C PRO B 87 -0.59 25.39 -3.22
N GLY B 88 -1.25 26.05 -2.27
CA GLY B 88 -2.62 25.72 -1.91
C GLY B 88 -2.75 24.36 -1.29
N ILE B 89 -3.53 23.47 -1.92
CA ILE B 89 -3.70 22.04 -1.42
C ILE B 89 -2.33 21.32 -1.33
N GLN B 90 -1.38 21.70 -2.19
CA GLN B 90 -0.10 21.01 -2.19
C GLN B 90 0.58 21.27 -0.84
N GLY B 91 1.31 20.28 -0.34
CA GLY B 91 1.93 20.38 0.96
C GLY B 91 1.06 20.02 2.14
N ASP B 92 -0.26 19.93 1.95
CA ASP B 92 -1.19 19.75 3.08
C ASP B 92 -1.24 18.31 3.54
N ALA B 93 -1.68 18.09 4.76
CA ALA B 93 -1.62 16.76 5.31
C ALA B 93 -2.96 16.49 5.98
N HIS B 94 -3.63 15.41 5.58
CA HIS B 94 -4.97 15.10 6.14
C HIS B 94 -4.98 13.77 6.83
N PHE B 95 -5.63 13.73 8.00
CA PHE B 95 -5.68 12.57 8.86
C PHE B 95 -7.13 12.08 8.92
N ASP B 96 -7.35 10.82 8.54
CA ASP B 96 -8.69 10.22 8.62
C ASP B 96 -9.14 10.16 10.06
N ASP B 97 -10.12 10.98 10.44
CA ASP B 97 -10.64 10.94 11.80
C ASP B 97 -11.65 9.82 12.12
N ASP B 98 -11.99 8.99 11.15
CA ASP B 98 -12.62 7.68 11.43
C ASP B 98 -11.65 6.68 12.04
N GLU B 99 -10.35 7.00 11.99
CA GLU B 99 -9.36 6.19 12.69
C GLU B 99 -9.25 6.64 14.11
N LEU B 100 -8.84 5.75 15.00
CA LEU B 100 -8.53 6.12 16.36
C LEU B 100 -7.03 6.53 16.41
N TRP B 101 -6.75 7.80 16.76
CA TRP B 101 -5.39 8.33 16.90
C TRP B 101 -4.96 8.16 18.34
N SER B 102 -3.75 7.64 18.51
CA SER B 102 -3.17 7.45 19.86
C SER B 102 -1.64 7.68 19.81
N LEU B 103 -0.97 7.36 20.90
CA LEU B 103 0.49 7.32 20.93
C LEU B 103 0.90 6.14 21.80
N GLY B 104 2.08 5.61 21.55
CA GLY B 104 2.50 4.41 22.29
C GLY B 104 1.89 3.12 21.77
N LYS B 105 2.42 2.00 22.28
CA LYS B 105 1.92 0.66 21.94
C LYS B 105 0.53 0.43 22.49
N GLY B 106 -0.37 -0.15 21.69
CA GLY B 106 -1.72 -0.34 22.16
C GLY B 106 -2.70 -0.14 21.03
N GLN B 107 -3.83 0.47 21.38
N GLN B 107 -3.86 0.40 21.33
CA GLN B 107 -4.87 0.84 20.43
CA GLN B 107 -4.85 0.53 20.28
C GLN B 107 -4.43 1.77 19.35
C GLN B 107 -4.73 1.83 19.51
N GLY B 108 -5.20 1.78 18.26
CA GLY B 108 -5.20 2.91 17.37
C GLY B 108 -3.88 3.02 16.58
N TYR B 109 -3.78 4.10 15.82
CA TYR B 109 -2.55 4.32 15.05
C TYR B 109 -1.87 5.50 15.71
N SER B 110 -0.54 5.40 15.90
CA SER B 110 0.31 6.49 16.43
C SER B 110 0.27 7.72 15.52
N LEU B 111 -0.23 8.80 16.07
CA LEU B 111 -0.26 10.09 15.34
C LEU B 111 1.14 10.56 15.04
N PHE B 112 2.08 10.24 15.93
CA PHE B 112 3.42 10.66 15.73
C PHE B 112 3.97 9.94 14.47
N LEU B 113 3.89 8.62 14.41
CA LEU B 113 4.58 7.92 13.31
C LEU B 113 3.86 8.17 12.00
N VAL B 114 2.53 8.20 12.05
CA VAL B 114 1.78 8.55 10.81
C VAL B 114 2.07 9.97 10.31
N ALA B 115 2.11 10.93 11.23
CA ALA B 115 2.45 12.30 10.89
C ALA B 115 3.84 12.32 10.28
N ALA B 116 4.80 11.63 10.91
CA ALA B 116 6.15 11.63 10.38
C ALA B 116 6.15 11.12 8.91
N HIS B 117 5.47 9.98 8.66
CA HIS B 117 5.33 9.47 7.24
C HIS B 117 4.67 10.48 6.30
N GLN B 118 3.56 11.08 6.74
CA GLN B 118 2.81 12.10 5.94
C GLN B 118 3.63 13.33 5.62
N PHE B 119 4.43 13.79 6.61
CA PHE B 119 5.26 14.98 6.43
C PHE B 119 6.39 14.69 5.43
N GLY B 120 6.80 13.44 5.32
CA GLY B 120 7.83 13.08 4.35
C GLY B 120 7.18 13.25 2.98
N HIS B 121 5.97 12.77 2.80
CA HIS B 121 5.26 13.06 1.54
C HIS B 121 5.12 14.61 1.34
N ALA B 122 4.73 15.34 2.40
CA ALA B 122 4.53 16.80 2.30
C ALA B 122 5.87 17.56 2.02
N LEU B 123 7.03 16.85 2.15
CA LEU B 123 8.29 17.38 1.65
C LEU B 123 8.70 16.88 0.27
N GLY B 124 8.02 15.89 -0.29
CA GLY B 124 8.32 15.44 -1.67
C GLY B 124 8.77 13.97 -1.78
N LEU B 125 8.84 13.27 -0.67
CA LEU B 125 9.21 11.86 -0.69
C LEU B 125 8.07 10.97 -1.16
N ASP B 126 8.41 10.02 -2.02
CA ASP B 126 7.48 8.95 -2.37
C ASP B 126 7.70 7.72 -1.52
N HIS B 127 7.13 6.59 -1.92
CA HIS B 127 7.22 5.39 -1.12
C HIS B 127 8.51 4.71 -1.24
N SER B 128 8.95 4.09 -0.16
CA SER B 128 10.18 3.35 -0.23
C SER B 128 9.84 1.86 -0.42
N SER B 129 10.77 1.19 -1.15
CA SER B 129 10.85 -0.31 -1.30
C SER B 129 11.33 -1.11 -0.08
N VAL B 130 11.98 -0.44 0.88
CA VAL B 130 12.63 -1.07 2.03
C VAL B 130 11.70 -1.18 3.20
N PRO B 131 11.30 -2.42 3.59
CA PRO B 131 10.16 -2.56 4.50
C PRO B 131 10.28 -1.87 5.87
N GLU B 132 11.49 -1.66 6.38
N GLU B 132 11.51 -1.64 6.34
CA GLU B 132 11.56 -0.95 7.66
CA GLU B 132 11.76 -0.94 7.60
C GLU B 132 11.63 0.57 7.54
C GLU B 132 11.65 0.56 7.54
N ALA B 133 11.55 1.15 6.34
CA ALA B 133 11.81 2.52 6.23
C ALA B 133 10.55 3.11 6.65
N LEU B 134 10.63 4.36 7.19
CA LEU B 134 9.47 5.16 7.55
C LEU B 134 8.60 5.36 6.31
N MET B 135 9.22 5.53 5.12
CA MET B 135 8.43 5.75 3.88
C MET B 135 7.90 4.45 3.21
N TYR B 136 8.08 3.31 3.86
CA TYR B 136 7.45 2.03 3.44
C TYR B 136 5.94 2.21 3.63
N PRO B 137 5.10 1.85 2.66
CA PRO B 137 3.69 2.24 2.80
C PRO B 137 2.84 1.20 3.54
N MET B 138 3.36 0.67 4.63
CA MET B 138 2.58 -0.17 5.50
C MET B 138 2.91 0.29 6.94
N TYR B 139 1.89 0.69 7.65
CA TYR B 139 2.01 1.01 9.08
C TYR B 139 2.43 -0.13 10.02
N ARG B 140 3.54 0.03 10.70
CA ARG B 140 3.89 -0.87 11.79
C ARG B 140 4.29 -0.01 12.97
N PHE B 141 3.74 -0.33 14.14
CA PHE B 141 4.16 0.36 15.32
C PHE B 141 5.62 -0.01 15.68
N THR B 142 6.40 0.99 16.13
CA THR B 142 7.80 0.77 16.57
C THR B 142 8.18 1.77 17.62
N GLU B 143 9.09 1.34 18.50
CA GLU B 143 9.57 2.18 19.58
C GLU B 143 10.90 2.78 19.17
N GLY B 144 11.50 2.20 18.14
CA GLY B 144 12.83 2.60 17.63
C GLY B 144 12.82 3.90 16.84
N PRO B 145 14.03 4.47 16.60
CA PRO B 145 13.99 5.75 15.91
C PRO B 145 13.31 5.58 14.53
N PRO B 146 12.43 6.50 14.13
CA PRO B 146 11.67 6.25 12.87
C PRO B 146 12.49 6.30 11.57
N LEU B 147 13.43 7.22 11.44
CA LEU B 147 14.19 7.35 10.20
C LEU B 147 15.16 6.18 9.91
N HIS B 148 15.27 5.78 8.65
CA HIS B 148 16.26 4.79 8.24
C HIS B 148 17.05 5.37 7.10
N LYS B 149 18.15 4.72 6.76
CA LYS B 149 19.03 5.21 5.68
C LYS B 149 18.28 5.60 4.44
N ASP B 150 17.33 4.77 4.02
CA ASP B 150 16.57 5.06 2.80
C ASP B 150 15.77 6.35 2.82
N ASP B 151 15.13 6.62 3.96
CA ASP B 151 14.43 7.90 4.15
C ASP B 151 15.33 9.10 4.02
N VAL B 152 16.49 9.00 4.66
CA VAL B 152 17.41 10.15 4.77
C VAL B 152 18.12 10.28 3.43
N ASN B 153 18.47 9.17 2.76
CA ASN B 153 18.97 9.27 1.39
C ASN B 153 17.95 9.93 0.43
N GLY B 154 16.70 9.64 0.68
CA GLY B 154 15.58 10.23 -0.12
C GLY B 154 15.48 11.74 0.06
N ILE B 155 15.50 12.17 1.29
CA ILE B 155 15.35 13.60 1.61
C ILE B 155 16.58 14.38 1.12
N ARG B 156 17.78 13.77 1.17
CA ARG B 156 19.01 14.41 0.76
C ARG B 156 19.07 14.47 -0.74
N HIS B 157 18.46 13.49 -1.39
CA HIS B 157 18.32 13.56 -2.89
C HIS B 157 17.56 14.85 -3.28
N LEU B 158 16.57 15.24 -2.46
CA LEU B 158 15.78 16.46 -2.74
C LEU B 158 16.44 17.75 -2.24
N TYR B 159 16.92 17.76 -1.01
CA TYR B 159 17.32 19.02 -0.38
C TYR B 159 18.83 19.14 -0.12
N GLY B 160 19.59 18.09 -0.48
CA GLY B 160 21.04 18.10 -0.51
C GLY B 160 21.68 17.62 0.79
ZN ZN C . -0.37 -5.66 -4.91
ZN ZN D . 6.23 -15.99 0.31
CA CA E . 7.53 -19.93 -10.54
CA CA F . -0.94 -10.72 7.39
CA CA G . -6.65 -18.52 7.28
O62 0ZD H . 0.81 6.43 2.44
C60 0ZD H . -0.05 7.34 2.34
O61 0ZD H . 0.23 8.53 2.60
C56 0ZD H . -1.48 6.91 2.01
C57 0ZD H . -2.00 7.59 0.74
C59 0ZD H . -1.15 7.41 -0.52
C58 0ZD H . -3.49 7.32 0.58
N40 0ZD H . -1.59 5.46 2.20
S41 0ZD H . -2.22 4.96 3.56
O43 0ZD H . -3.21 5.85 4.05
C45 0ZD H . -0.96 4.83 4.59
C5A 0ZD H . -0.55 5.95 5.31
C49 0ZD H . 0.52 5.90 6.17
C48 0ZD H . 1.23 4.72 6.35
C50 0ZD H . 2.39 4.71 7.31
C55 0ZD H . 3.51 3.93 7.00
C54 0ZD H . 4.56 3.91 7.91
C53 0ZD H . 4.55 4.63 9.10
C52 0ZD H . 3.43 5.39 9.39
C51 0ZD H . 2.37 5.43 8.49
C47 0ZD H . 0.86 3.56 5.64
C46 0ZD H . -0.23 3.64 4.76
O42 0ZD H . -2.74 3.64 3.19
C39 0ZD H . -0.85 4.54 1.29
C38 0ZD H . -1.71 3.59 0.39
N37 0ZD H . -0.96 2.39 -0.03
C35 0ZD H . -0.11 2.65 -1.01
O36 0ZD H . -0.05 3.76 -1.57
C33 0ZD H . 0.83 1.63 -1.54
C32 0ZD H . 1.62 2.04 -2.63
C31 0ZD H . 2.52 1.18 -3.22
C30 0ZD H . 2.61 -0.09 -2.68
C34 0ZD H . 0.91 0.38 -0.98
C29 0ZD H . 1.82 -0.46 -1.56
C27 0ZD H . 2.02 -1.84 -1.09
O28 0ZD H . 2.85 -2.44 -1.75
N26 0ZD H . 1.36 -2.44 -0.11
C25 0ZD H . 0.57 -3.61 -0.56
C24 0ZD H . 1.41 -4.81 -0.25
N16 0ZD H . 0.69 -6.08 -0.33
C17 0ZD H . 1.29 -6.99 -1.33
C21 0ZD H . 0.82 -6.80 -2.79
O23 0ZD H . 0.90 -7.76 -3.59
O22 0ZD H . 0.35 -5.72 -3.14
C18 0ZD H . 2.83 -7.15 -1.35
C20 0ZD H . 3.46 -7.68 -0.03
C19 0ZD H . 3.61 -6.12 -2.19
S13 0ZD H . -0.56 -6.43 0.56
O14 0ZD H . -0.50 -7.64 1.28
O15 0ZD H . -0.75 -5.42 1.55
C10 0ZD H . -1.90 -6.40 -0.42
C9 0ZD H . -2.31 -7.51 -1.16
C8 0ZD H . -3.42 -7.54 -2.00
C11 0ZD H . -2.72 -5.25 -0.54
C12 0ZD H . -3.86 -5.24 -1.34
C7 0ZD H . -4.21 -6.36 -2.11
C1 0ZD H . -5.44 -6.35 -2.95
C6 0ZD H . -5.84 -5.20 -3.58
C5 0ZD H . -7.00 -5.08 -4.37
C4 0ZD H . -7.79 -6.18 -4.47
C3 0ZD H . -7.42 -7.37 -3.77
C2 0ZD H . -6.25 -7.49 -3.00
C1 GOL I . 6.70 -9.32 1.06
O1 GOL I . 5.95 -9.74 2.18
C2 GOL I . 7.07 -7.84 1.19
O2 GOL I . 6.90 -7.34 -0.11
C3 GOL I . 8.51 -7.60 1.66
O3 GOL I . 8.95 -6.30 1.24
C1 GOL J . -0.08 2.07 -20.23
O1 GOL J . -1.16 1.73 -21.07
C2 GOL J . -0.02 1.01 -19.12
O2 GOL J . -1.04 1.17 -18.15
C3 GOL J . 1.40 0.78 -18.55
O3 GOL J . 1.38 0.39 -17.18
C1 GOL K . 20.64 -9.24 1.20
O1 GOL K . 21.09 -8.20 0.34
C2 GOL K . 19.50 -9.96 0.51
O2 GOL K . 18.30 -9.18 0.61
C3 GOL K . 19.38 -11.37 1.13
O3 GOL K . 18.87 -12.36 0.24
C1 PGO L . 8.58 -5.64 -12.65
C2 PGO L . 7.24 -5.50 -11.91
C3 PGO L . 7.32 -5.77 -10.40
O1 PGO L . 9.00 -4.45 -13.34
O2 PGO L . 6.39 -6.49 -12.49
C1 PGO M . -1.51 -18.01 16.14
C2 PGO M . -1.35 -17.15 14.86
C3 PGO M . -0.54 -17.84 13.76
O1 PGO M . -1.21 -19.39 15.87
O2 PGO M . -0.67 -15.92 15.16
C1 PGO N . -11.34 -6.88 5.47
C2 PGO N . -11.81 -7.37 6.84
C3 PGO N . -10.67 -8.07 7.59
O1 PGO N . -12.11 -5.77 5.01
O2 PGO N . -12.96 -8.24 6.73
C1 PEG O . 15.55 -9.99 -12.27
O1 PEG O . 14.61 -11.04 -11.91
C2 PEG O . 17.01 -10.43 -12.09
O2 PEG O . 17.04 -11.72 -11.45
C3 PEG O . 17.35 -11.63 -10.05
C4 PEG O . 16.74 -12.81 -9.29
O4 PEG O . 17.52 -12.92 -8.10
C1 PEG P . 16.13 -14.34 -2.11
O1 PEG P . 15.62 -13.54 -1.05
C2 PEG P . 16.15 -15.83 -1.73
O2 PEG P . 17.24 -16.16 -0.85
C3 PEG P . 18.00 -17.23 -1.41
C4 PEG P . 17.29 -18.55 -1.12
O4 PEG P . 18.23 -19.40 -0.46
C1 PEG Q . -6.91 -24.93 -20.91
O1 PEG Q . -7.15 -23.57 -20.50
C2 PEG Q . -6.44 -25.83 -19.76
O2 PEG Q . -7.42 -26.82 -19.37
C3 PEG Q . -6.91 -28.16 -19.26
C4 PEG Q . -7.42 -28.80 -17.96
O4 PEG Q . -7.24 -30.21 -17.99
C1 PEG R . -18.73 3.29 -5.96
O1 PEG R . -20.17 3.20 -5.95
C2 PEG R . -18.31 4.59 -5.28
O2 PEG R . -16.98 4.45 -4.79
C3 PEG R . -16.50 5.66 -4.17
C4 PEG R . -14.96 5.68 -4.23
O4 PEG R . -14.34 5.85 -2.94
C1 PEG S . -11.30 -13.76 11.83
O1 PEG S . -11.46 -12.57 11.04
C2 PEG S . -11.45 -13.40 13.30
O2 PEG S . -10.29 -13.80 14.04
C3 PEG S . -9.74 -12.70 14.77
C4 PEG S . -8.70 -13.17 15.78
O4 PEG S . -7.58 -13.76 15.11
ZN ZN T . 2.67 7.06 2.22
ZN ZN U . -7.69 15.06 1.95
CA CA V . -0.23 23.96 1.24
CA CA W . -9.66 4.94 6.96
CA CA X . -10.73 9.35 15.47
C1 MLT Y . 8.19 1.84 10.29
O1 MLT Y . 8.04 0.81 9.56
O2 MLT Y . 7.30 2.72 10.39
C2 MLT Y . 9.47 2.00 11.08
O3 MLT Y . 10.19 3.22 10.77
C3 MLT Y . 10.29 0.72 11.00
C4 MLT Y . 11.35 0.61 12.04
O4 MLT Y . 11.72 -0.55 12.31
O5 MLT Y . 11.87 1.62 12.63
C1 GOL Z . 15.01 33.42 20.53
O1 GOL Z . 14.67 33.09 19.20
C2 GOL Z . 14.19 32.61 21.55
O2 GOL Z . 14.04 31.24 21.14
C3 GOL Z . 12.88 33.26 22.03
O3 GOL Z . 11.77 32.55 21.51
C1 GOL AA . 8.78 28.83 18.80
O1 GOL AA . 8.31 28.06 19.88
C2 GOL AA . 8.67 30.31 19.16
O2 GOL AA . 8.70 30.48 20.58
C3 GOL AA . 7.35 30.84 18.57
O3 GOL AA . 7.51 31.04 17.18
C1 PGO BA . 15.19 0.48 14.44
C2 PGO BA . 14.81 0.05 15.85
C3 PGO BA . 15.86 -0.88 16.45
O1 PGO BA . 14.89 1.87 14.29
O2 PGO BA . 13.53 -0.59 15.81
C1 PGO CA . 19.57 -8.49 10.89
C2 PGO CA . 18.12 -8.81 11.24
C3 PGO CA . 17.40 -9.45 10.06
O1 PGO CA . 20.40 -8.53 12.06
O2 PGO CA . 17.46 -7.61 11.61
C1 PGO DA . 13.56 -3.36 -4.51
C2 PGO DA . 12.83 -4.62 -3.98
C3 PGO DA . 11.30 -4.49 -3.99
O1 PGO DA . 14.29 -2.67 -3.47
O2 PGO DA . 13.29 -4.96 -2.65
C1 PEG EA . 13.92 29.52 16.77
O1 PEG EA . 12.73 29.82 17.51
C2 PEG EA . 14.43 30.84 16.20
O2 PEG EA . 13.34 31.59 15.63
C3 PEG EA . 13.77 32.77 14.93
C4 PEG EA . 13.73 33.99 15.87
O4 PEG EA . 12.38 34.33 16.25
C1 PEG FA . 14.23 6.76 -1.60
O1 PEG FA . 13.16 5.86 -1.98
C2 PEG FA . 14.11 8.07 -2.37
O2 PEG FA . 14.85 8.07 -3.59
C3 PEG FA . 15.81 9.11 -3.84
C4 PEG FA . 17.23 8.55 -3.65
O4 PEG FA . 17.23 7.77 -2.44
#